data_8PL8
#
_entry.id   8PL8
#
_cell.length_a   144.915
_cell.length_b   103.158
_cell.length_c   61.136
_cell.angle_alpha   90.000
_cell.angle_beta   113.120
_cell.angle_gamma   90.000
#
_symmetry.space_group_name_H-M   'C 1 2 1'
#
loop_
_entity.id
_entity.type
_entity.pdbx_description
1 polymer 'Thioredoxin glutathione reductase'
2 non-polymer 'FLAVIN-ADENINE DINUCLEOTIDE'
3 non-polymer ~{N}-(3-methylsulfanyl-1,2,4-thiadiazol-5-yl)ethanamide
4 water water
#
_entity_poly.entity_id   1
_entity_poly.type   'polypeptide(L)'
_entity_poly.pdbx_seq_one_letter_code
;GPPPADGTSQWLRKTVDSAAVILFSKTTCPYCKKVKDVLAEAKIKHATIELDQLSNGSAIQKCLASFSKIETVPQMFVRG
KFIGDSQTVLKYYSNDELAGIVNESKYDYDLIVIGGGSGGLAAGKEAAKYGAKTAVLDYVEPTPIGTTWGLGGTCVNVGC
IPKKLMHQAGLLSHALEDAEHFGWSLDRSKISHNWSTMVEGVQSHIGSLNWGYKVALRDNQVTYLNAKGRLISPHEVQIT
DKNQKVSTITGNKIILATGERPKYPEIPGAVEYGITSDDLFSLPYFPGKTLVIGASYVALECAGFLASLGGDVTVMVRSI
LLRGFDQQMAEKVGDYMENHGVKFAKLCVPDEIKQLKVVDTENNKPGLLLVKGHYTDGKKFEEEFETVIFAVGREPQLSK
VLCETVGVKLDKNGRVVCTDDEQTTVSNVYAIGDINAGKPQLTPVAIQAGRYLARRLFAGATELTDYSNVATTVFTPLEY
GACGLSEEDAIEKYGDKDIEVYHSNFKPLEWTVAHREDNVCYMKLVCRKSDNMRVLGLHVLGPNAGEITQGYAVAIKMGA
TKADFDRTIGIHPTCSETFTTLHVTKKSGVSPIVSGC
;
_entity_poly.pdbx_strand_id   A
#
# COMPACT_ATOMS: atom_id res chain seq x y z
N GLY A 7 -5.22 -33.86 8.55
CA GLY A 7 -4.82 -32.48 8.27
C GLY A 7 -3.59 -32.44 7.39
N THR A 8 -2.58 -33.21 7.78
CA THR A 8 -1.37 -33.35 6.97
C THR A 8 -1.70 -33.82 5.56
N SER A 9 -2.60 -34.79 5.43
CA SER A 9 -2.90 -35.34 4.12
C SER A 9 -3.47 -34.25 3.21
N GLN A 10 -4.47 -33.51 3.68
CA GLN A 10 -5.11 -32.47 2.87
C GLN A 10 -4.13 -31.38 2.48
N TRP A 11 -3.14 -31.11 3.33
CA TRP A 11 -2.14 -30.10 2.99
C TRP A 11 -1.24 -30.57 1.85
N LEU A 12 -0.73 -31.80 1.94
CA LEU A 12 0.17 -32.31 0.92
C LEU A 12 -0.51 -32.40 -0.43
N ARG A 13 -1.80 -32.71 -0.46
CA ARG A 13 -2.52 -32.80 -1.72
C ARG A 13 -2.67 -31.43 -2.38
N LYS A 14 -2.97 -30.40 -1.58
CA LYS A 14 -3.06 -29.06 -2.16
C LYS A 14 -1.70 -28.55 -2.62
N THR A 15 -0.65 -28.86 -1.85
CA THR A 15 0.70 -28.43 -2.21
C THR A 15 1.15 -29.03 -3.54
N VAL A 16 0.92 -30.33 -3.74
CA VAL A 16 1.38 -31.01 -4.96
C VAL A 16 0.59 -30.52 -6.17
N ASP A 17 -0.71 -30.28 -6.00
CA ASP A 17 -1.57 -29.90 -7.11
C ASP A 17 -1.20 -28.53 -7.69
N SER A 18 -0.77 -27.58 -6.85
CA SER A 18 -0.54 -26.23 -7.38
C SER A 18 0.93 -25.89 -7.65
N ALA A 19 1.87 -26.55 -6.97
CA ALA A 19 3.28 -26.23 -7.20
C ALA A 19 3.68 -26.43 -8.66
N ALA A 20 4.57 -25.57 -9.14
CA ALA A 20 5.09 -25.71 -10.50
C ALA A 20 6.18 -26.77 -10.58
N VAL A 21 7.25 -26.59 -9.80
CA VAL A 21 8.35 -27.55 -9.67
C VAL A 21 8.73 -27.60 -8.20
N ILE A 22 8.55 -28.76 -7.56
CA ILE A 22 8.81 -28.87 -6.13
C ILE A 22 9.50 -30.19 -5.82
N LEU A 23 10.48 -30.12 -4.91
CA LEU A 23 11.35 -31.23 -4.54
C LEU A 23 11.23 -31.48 -3.05
N PHE A 24 10.85 -32.71 -2.69
CA PHE A 24 10.84 -33.14 -1.28
C PHE A 24 12.19 -33.77 -0.96
N SER A 25 12.73 -33.44 0.21
CA SER A 25 14.13 -33.68 0.44
C SER A 25 14.41 -33.82 1.94
N LYS A 26 15.66 -34.16 2.24
CA LYS A 26 16.24 -34.04 3.58
C LYS A 26 17.60 -33.37 3.47
N THR A 27 17.99 -32.68 4.55
CA THR A 27 19.19 -31.83 4.51
C THR A 27 20.48 -32.63 4.42
N THR A 28 20.44 -33.90 4.82
CA THR A 28 21.64 -34.72 4.99
C THR A 28 21.64 -35.92 4.05
N CYS A 29 21.02 -35.79 2.87
CA CYS A 29 20.91 -36.94 1.97
C CYS A 29 21.72 -36.67 0.70
N PRO A 30 22.72 -37.51 0.41
CA PRO A 30 23.55 -37.26 -0.79
C PRO A 30 22.78 -37.44 -2.09
N TYR A 31 21.71 -38.24 -2.11
CA TYR A 31 20.91 -38.37 -3.31
C TYR A 31 20.02 -37.15 -3.54
N CYS A 32 19.63 -36.46 -2.46
CA CYS A 32 18.97 -35.17 -2.61
C CYS A 32 19.93 -34.14 -3.19
N LYS A 33 21.11 -34.01 -2.55
CA LYS A 33 22.16 -33.16 -3.10
C LYS A 33 22.38 -33.43 -4.57
N LYS A 34 22.39 -34.72 -4.95
CA LYS A 34 22.67 -35.11 -6.33
C LYS A 34 21.63 -34.52 -7.28
N VAL A 35 20.35 -34.56 -6.89
CA VAL A 35 19.31 -33.99 -7.74
C VAL A 35 19.34 -32.46 -7.68
N LYS A 36 19.66 -31.89 -6.52
CA LYS A 36 19.79 -30.44 -6.41
C LYS A 36 20.88 -29.93 -7.35
N ASP A 37 22.04 -30.58 -7.35
CA ASP A 37 23.13 -30.14 -8.21
C ASP A 37 22.76 -30.26 -9.68
N VAL A 38 21.98 -31.29 -10.04
CA VAL A 38 21.55 -31.39 -11.42
C VAL A 38 20.60 -30.25 -11.78
N LEU A 39 19.69 -29.90 -10.88
CA LEU A 39 18.73 -28.84 -11.19
C LEU A 39 19.41 -27.48 -11.27
N ALA A 40 20.40 -27.23 -10.39
CA ALA A 40 21.12 -25.97 -10.44
C ALA A 40 21.91 -25.83 -11.73
N GLU A 41 22.62 -26.90 -12.12
CA GLU A 41 23.40 -26.88 -13.36
C GLU A 41 22.53 -26.50 -14.57
N ALA A 42 21.38 -27.17 -14.72
CA ALA A 42 20.53 -26.93 -15.87
C ALA A 42 19.60 -25.72 -15.70
N LYS A 43 19.82 -24.91 -14.65
CA LYS A 43 19.07 -23.67 -14.41
C LYS A 43 17.56 -23.93 -14.37
N ILE A 44 17.15 -24.80 -13.44
CA ILE A 44 15.76 -25.17 -13.23
C ILE A 44 15.34 -24.66 -11.85
N LYS A 45 14.39 -23.71 -11.82
CA LYS A 45 13.98 -23.10 -10.56
C LYS A 45 12.86 -23.91 -9.93
N HIS A 46 12.85 -24.00 -8.59
CA HIS A 46 11.94 -24.93 -7.93
C HIS A 46 11.82 -24.63 -6.44
N ALA A 47 10.70 -25.08 -5.88
CA ALA A 47 10.52 -25.12 -4.43
C ALA A 47 11.18 -26.37 -3.86
N THR A 48 11.62 -26.26 -2.61
CA THR A 48 12.26 -27.36 -1.89
C THR A 48 11.72 -27.39 -0.47
N ILE A 49 11.24 -28.55 -0.05
CA ILE A 49 10.73 -28.76 1.29
C ILE A 49 11.61 -29.82 1.95
N GLU A 50 12.27 -29.45 3.05
CA GLU A 50 13.16 -30.36 3.76
C GLU A 50 12.39 -31.00 4.91
N LEU A 51 12.08 -32.30 4.76
CA LEU A 51 11.19 -32.99 5.68
C LEU A 51 11.80 -33.19 7.07
N ASP A 52 13.13 -33.13 7.19
CA ASP A 52 13.78 -33.29 8.49
C ASP A 52 13.73 -32.04 9.35
N GLN A 53 13.23 -30.92 8.82
CA GLN A 53 13.01 -29.72 9.63
C GLN A 53 11.54 -29.42 9.84
N LEU A 54 10.67 -30.42 9.70
CA LEU A 54 9.26 -30.27 10.03
C LEU A 54 8.91 -31.34 11.05
N SER A 55 8.24 -30.93 12.13
CA SER A 55 7.79 -31.91 13.12
C SER A 55 6.86 -32.94 12.50
N ASN A 56 6.21 -32.56 11.41
CA ASN A 56 5.21 -33.37 10.73
C ASN A 56 5.81 -34.25 9.63
N GLY A 57 7.14 -34.21 9.46
CA GLY A 57 7.74 -34.73 8.24
C GLY A 57 7.69 -36.24 8.09
N SER A 58 7.62 -36.98 9.20
CA SER A 58 7.54 -38.43 9.12
C SER A 58 6.21 -38.87 8.50
N ALA A 59 5.11 -38.26 8.92
CA ALA A 59 3.83 -38.53 8.29
C ALA A 59 3.82 -38.08 6.82
N ILE A 60 4.46 -36.95 6.53
CA ILE A 60 4.47 -36.42 5.17
C ILE A 60 5.20 -37.39 4.25
N GLN A 61 6.35 -37.89 4.70
CA GLN A 61 7.10 -38.84 3.90
C GLN A 61 6.28 -40.10 3.61
N LYS A 62 5.28 -40.40 4.46
CA LYS A 62 4.40 -41.54 4.23
C LYS A 62 3.29 -41.18 3.24
N CYS A 63 2.78 -39.96 3.30
CA CYS A 63 1.69 -39.53 2.41
C CYS A 63 2.15 -39.30 0.97
N LEU A 64 3.44 -39.07 0.75
CA LEU A 64 3.95 -38.93 -0.61
C LEU A 64 3.78 -40.20 -1.42
N ALA A 65 3.61 -41.35 -0.75
CA ALA A 65 3.35 -42.59 -1.45
C ALA A 65 1.92 -42.66 -1.99
N SER A 66 1.04 -41.72 -1.62
CA SER A 66 -0.24 -41.60 -2.32
C SER A 66 -0.06 -41.13 -3.76
N PHE A 67 0.93 -40.27 -4.01
CA PHE A 67 1.13 -39.75 -5.36
C PHE A 67 2.19 -40.54 -6.14
N SER A 68 3.21 -41.07 -5.46
CA SER A 68 4.37 -41.63 -6.15
C SER A 68 4.57 -43.13 -5.91
N LYS A 69 3.85 -43.71 -4.95
CA LYS A 69 3.98 -45.12 -4.56
C LYS A 69 5.36 -45.46 -4.00
N ILE A 70 6.14 -44.46 -3.61
CA ILE A 70 7.39 -44.67 -2.90
C ILE A 70 7.40 -43.82 -1.63
N GLU A 71 8.37 -44.07 -0.77
CA GLU A 71 8.46 -43.38 0.51
C GLU A 71 9.85 -42.83 0.80
N THR A 72 10.74 -42.80 -0.18
CA THR A 72 12.10 -42.31 0.04
C THR A 72 12.23 -40.86 -0.43
N VAL A 73 13.35 -40.24 -0.06
CA VAL A 73 13.66 -38.92 -0.56
C VAL A 73 14.87 -39.04 -1.47
N PRO A 74 14.93 -38.29 -2.57
CA PRO A 74 14.06 -37.18 -2.93
C PRO A 74 12.89 -37.58 -3.81
N GLN A 75 11.85 -36.74 -3.85
CA GLN A 75 10.77 -36.91 -4.82
C GLN A 75 10.55 -35.58 -5.52
N MET A 76 10.60 -35.60 -6.85
CA MET A 76 10.38 -34.42 -7.67
C MET A 76 9.02 -34.48 -8.34
N PHE A 77 8.29 -33.36 -8.31
CA PHE A 77 6.95 -33.24 -8.86
C PHE A 77 6.91 -32.04 -9.80
N VAL A 78 6.18 -32.18 -10.90
CA VAL A 78 5.97 -31.06 -11.82
C VAL A 78 4.47 -30.94 -12.06
N ARG A 79 3.89 -29.81 -11.64
CA ARG A 79 2.49 -29.47 -11.91
C ARG A 79 1.55 -30.61 -11.54
N GLY A 80 1.77 -31.19 -10.36
CA GLY A 80 0.91 -32.23 -9.82
C GLY A 80 1.27 -33.66 -10.20
N LYS A 81 2.34 -33.85 -10.98
CA LYS A 81 2.72 -35.15 -11.52
C LYS A 81 4.07 -35.55 -10.95
N PHE A 82 4.17 -36.78 -10.45
CA PHE A 82 5.44 -37.26 -9.92
C PHE A 82 6.40 -37.56 -11.07
N ILE A 83 7.60 -37.00 -11.00
CA ILE A 83 8.54 -37.09 -12.10
C ILE A 83 9.58 -38.20 -11.89
N GLY A 84 10.04 -38.40 -10.66
CA GLY A 84 10.97 -39.48 -10.42
C GLY A 84 11.75 -39.29 -9.13
N ASP A 85 12.42 -40.37 -8.74
CA ASP A 85 13.42 -40.31 -7.68
C ASP A 85 14.74 -39.88 -8.32
N SER A 86 15.86 -40.13 -7.63
CA SER A 86 17.16 -39.67 -8.12
C SER A 86 17.49 -40.29 -9.49
N GLN A 87 17.36 -41.61 -9.61
CA GLN A 87 17.77 -42.31 -10.82
C GLN A 87 17.02 -41.79 -12.05
N THR A 88 15.70 -41.58 -11.92
CA THR A 88 14.89 -41.17 -13.07
C THR A 88 15.22 -39.74 -13.51
N VAL A 89 15.48 -38.85 -12.56
CA VAL A 89 15.81 -37.47 -12.92
C VAL A 89 17.14 -37.43 -13.66
N LEU A 90 18.16 -38.10 -13.10
CA LEU A 90 19.44 -38.20 -13.81
C LEU A 90 19.27 -38.84 -15.19
N LYS A 91 18.43 -39.88 -15.29
CA LYS A 91 18.13 -40.48 -16.59
C LYS A 91 17.48 -39.48 -17.54
N TYR A 92 16.50 -38.72 -17.06
CA TYR A 92 15.90 -37.67 -17.88
C TYR A 92 16.94 -36.64 -18.33
N TYR A 93 17.82 -36.23 -17.42
CA TYR A 93 18.88 -35.29 -17.76
C TYR A 93 19.79 -35.87 -18.83
N SER A 94 20.42 -37.01 -18.54
CA SER A 94 21.40 -37.62 -19.44
C SER A 94 20.87 -37.77 -20.85
N ASN A 95 19.57 -38.01 -20.98
CA ASN A 95 18.92 -38.27 -22.26
C ASN A 95 18.40 -37.00 -22.93
N ASP A 96 18.73 -35.82 -22.38
CA ASP A 96 18.27 -34.53 -22.92
C ASP A 96 16.75 -34.42 -22.84
N GLU A 97 16.14 -35.00 -21.81
CA GLU A 97 14.69 -35.02 -21.66
C GLU A 97 14.16 -34.12 -20.56
N LEU A 98 15.03 -33.62 -19.67
CA LEU A 98 14.54 -32.96 -18.44
C LEU A 98 13.85 -31.63 -18.74
N ALA A 99 14.35 -30.85 -19.70
CA ALA A 99 13.79 -29.52 -19.94
C ALA A 99 12.36 -29.59 -20.45
N GLY A 100 12.09 -30.50 -21.39
CA GLY A 100 10.75 -30.61 -21.94
C GLY A 100 9.73 -31.14 -20.97
N ILE A 101 10.19 -31.87 -19.94
CA ILE A 101 9.30 -32.35 -18.89
C ILE A 101 8.88 -31.21 -17.97
N VAL A 102 9.82 -30.35 -17.54
CA VAL A 102 9.48 -29.29 -16.60
C VAL A 102 8.72 -28.14 -17.25
N ASN A 103 8.83 -27.95 -18.58
CA ASN A 103 8.07 -26.93 -19.28
C ASN A 103 6.71 -27.41 -19.78
N GLU A 104 6.30 -28.63 -19.42
CA GLU A 104 5.05 -29.23 -19.86
C GLU A 104 3.85 -28.68 -19.06
N SER A 105 2.85 -28.13 -19.75
CA SER A 105 1.67 -27.61 -19.06
C SER A 105 0.47 -27.52 -19.99
N LYS A 106 -0.71 -27.71 -19.41
CA LYS A 106 -1.96 -27.34 -20.07
C LYS A 106 -1.98 -25.89 -20.52
N TYR A 107 -1.32 -25.01 -19.76
CA TYR A 107 -1.48 -23.56 -19.94
C TYR A 107 -0.15 -22.92 -20.34
N ASP A 108 -0.27 -21.75 -20.97
CA ASP A 108 0.90 -20.93 -21.29
C ASP A 108 1.68 -20.58 -20.04
N TYR A 109 1.00 -20.23 -18.96
CA TYR A 109 1.63 -19.75 -17.74
C TYR A 109 1.06 -20.45 -16.52
N ASP A 110 1.93 -20.73 -15.54
CA ASP A 110 1.45 -21.14 -14.22
C ASP A 110 0.68 -20.00 -13.55
N LEU A 111 1.04 -18.75 -13.83
CA LEU A 111 0.49 -17.60 -13.13
C LEU A 111 0.36 -16.41 -14.07
N ILE A 112 -0.81 -15.79 -14.10
CA ILE A 112 -1.02 -14.51 -14.75
C ILE A 112 -1.46 -13.51 -13.68
N VAL A 113 -0.69 -12.43 -13.52
CA VAL A 113 -1.06 -11.31 -12.65
C VAL A 113 -1.62 -10.20 -13.52
N ILE A 114 -2.84 -9.76 -13.25
CA ILE A 114 -3.42 -8.58 -13.91
C ILE A 114 -3.20 -7.40 -12.97
N GLY A 115 -2.32 -6.47 -13.38
CA GLY A 115 -1.98 -5.30 -12.59
C GLY A 115 -0.53 -5.31 -12.14
N GLY A 116 0.25 -4.33 -12.58
CA GLY A 116 1.66 -4.27 -12.19
C GLY A 116 1.96 -3.18 -11.16
N GLY A 117 1.28 -3.24 -10.00
CA GLY A 117 1.57 -2.35 -8.89
C GLY A 117 2.26 -3.03 -7.74
N SER A 118 2.01 -2.51 -6.53
CA SER A 118 2.66 -2.99 -5.30
C SER A 118 2.45 -4.49 -5.09
N GLY A 119 1.21 -4.96 -5.17
CA GLY A 119 0.93 -6.36 -4.90
C GLY A 119 1.25 -7.23 -6.11
N GLY A 120 0.89 -6.72 -7.29
CA GLY A 120 1.11 -7.47 -8.52
C GLY A 120 2.56 -7.86 -8.72
N LEU A 121 3.46 -6.88 -8.63
CA LEU A 121 4.88 -7.17 -8.82
C LEU A 121 5.45 -8.02 -7.68
N ALA A 122 4.97 -7.82 -6.44
CA ALA A 122 5.44 -8.63 -5.33
C ALA A 122 5.04 -10.09 -5.52
N ALA A 123 3.77 -10.34 -5.85
CA ALA A 123 3.31 -11.69 -6.15
C ALA A 123 4.12 -12.31 -7.29
N GLY A 124 4.24 -11.59 -8.41
CA GLY A 124 4.90 -12.13 -9.60
C GLY A 124 6.36 -12.47 -9.39
N LYS A 125 7.12 -11.60 -8.70
CA LYS A 125 8.52 -11.91 -8.44
C LYS A 125 8.68 -13.12 -7.54
N GLU A 126 7.84 -13.23 -6.49
CA GLU A 126 8.00 -14.32 -5.54
C GLU A 126 7.67 -15.66 -6.19
N ALA A 127 6.59 -15.70 -6.97
CA ALA A 127 6.17 -16.95 -7.60
C ALA A 127 7.25 -17.47 -8.57
N ALA A 128 7.89 -16.56 -9.32
CA ALA A 128 8.93 -16.99 -10.25
C ALA A 128 10.09 -17.70 -9.54
N LYS A 129 10.37 -17.36 -8.28
CA LYS A 129 11.49 -17.98 -7.58
C LYS A 129 11.31 -19.48 -7.41
N TYR A 130 10.07 -19.97 -7.39
CA TYR A 130 9.82 -21.39 -7.17
C TYR A 130 9.48 -22.12 -8.46
N GLY A 131 9.83 -21.57 -9.61
CA GLY A 131 9.64 -22.22 -10.88
C GLY A 131 8.34 -21.87 -11.59
N ALA A 132 7.46 -21.10 -10.97
CA ALA A 132 6.20 -20.76 -11.60
C ALA A 132 6.44 -19.85 -12.80
N LYS A 133 6.09 -20.34 -13.98
CA LYS A 133 6.23 -19.56 -15.21
C LYS A 133 5.19 -18.45 -15.20
N THR A 134 5.65 -17.19 -15.14
CA THR A 134 4.81 -16.07 -14.71
C THR A 134 4.77 -14.97 -15.75
N ALA A 135 3.59 -14.34 -15.87
CA ALA A 135 3.40 -13.16 -16.70
C ALA A 135 2.71 -12.06 -15.90
N VAL A 136 3.30 -10.86 -15.91
CA VAL A 136 2.71 -9.67 -15.28
C VAL A 136 2.18 -8.75 -16.39
N LEU A 137 0.91 -8.37 -16.27
CA LEU A 137 0.26 -7.43 -17.20
C LEU A 137 0.04 -6.09 -16.51
N ASP A 138 0.36 -4.99 -17.21
CA ASP A 138 0.18 -3.65 -16.63
C ASP A 138 -0.15 -2.63 -17.71
N TYR A 139 -1.10 -1.73 -17.42
CA TYR A 139 -1.49 -0.71 -18.38
C TYR A 139 -2.16 0.46 -17.64
N VAL A 140 -1.80 1.66 -18.04
CA VAL A 140 -2.20 2.87 -17.33
C VAL A 140 -3.18 3.68 -18.19
N GLU A 141 -4.46 3.44 -18.02
CA GLU A 141 -5.50 4.26 -18.60
C GLU A 141 -5.21 5.74 -18.29
N PRO A 142 -5.01 6.59 -19.31
CA PRO A 142 -4.70 8.00 -19.04
C PRO A 142 -5.81 8.74 -18.29
N THR A 143 -5.40 9.82 -17.62
CA THR A 143 -6.35 10.71 -16.94
C THR A 143 -7.09 11.53 -18.00
N PRO A 144 -8.18 12.22 -17.61
CA PRO A 144 -8.92 13.01 -18.60
C PRO A 144 -8.09 13.99 -19.40
N ILE A 145 -6.98 14.50 -18.87
CA ILE A 145 -6.10 15.39 -19.63
C ILE A 145 -4.94 14.63 -20.26
N GLY A 146 -4.91 13.31 -20.16
CA GLY A 146 -3.91 12.52 -20.84
C GLY A 146 -2.68 12.15 -20.05
N THR A 147 -2.65 12.40 -18.74
CA THR A 147 -1.50 12.02 -17.96
C THR A 147 -1.34 10.51 -17.90
N THR A 148 -0.08 10.05 -17.91
CA THR A 148 0.20 8.62 -17.82
C THR A 148 1.63 8.42 -17.29
N TRP A 149 1.99 7.17 -16.99
CA TRP A 149 3.27 6.87 -16.34
C TRP A 149 3.65 5.41 -16.58
N GLY A 150 4.79 5.00 -16.01
CA GLY A 150 5.37 3.70 -16.28
C GLY A 150 5.02 2.65 -15.24
N LEU A 151 5.71 1.51 -15.34
CA LEU A 151 5.45 0.38 -14.47
C LEU A 151 5.62 0.72 -12.99
N GLY A 152 4.74 0.17 -12.17
CA GLY A 152 4.96 0.22 -10.75
C GLY A 152 3.74 0.47 -9.89
N GLY A 153 2.66 0.95 -10.49
CA GLY A 153 1.41 1.13 -9.78
C GLY A 153 1.31 2.48 -9.09
N THR A 154 0.25 2.60 -8.26
CA THR A 154 -0.17 3.91 -7.74
C THR A 154 0.89 4.53 -6.82
N CYS A 155 1.37 3.75 -5.85
CA CYS A 155 2.28 4.28 -4.83
C CYS A 155 3.54 4.86 -5.47
N VAL A 156 4.16 4.08 -6.36
CA VAL A 156 5.42 4.46 -7.00
C VAL A 156 5.27 5.73 -7.84
N ASN A 157 4.20 5.81 -8.62
CA ASN A 157 4.07 6.84 -9.64
C ASN A 157 3.23 8.04 -9.21
N VAL A 158 2.14 7.82 -8.47
CA VAL A 158 1.24 8.92 -8.17
C VAL A 158 0.73 8.82 -6.75
N GLY A 159 1.59 8.33 -5.83
CA GLY A 159 1.20 8.00 -4.47
C GLY A 159 2.26 8.18 -3.40
N CYS A 160 2.51 7.15 -2.57
CA CYS A 160 3.35 7.31 -1.38
C CYS A 160 4.73 7.94 -1.70
N ILE A 161 5.32 7.61 -2.84
CA ILE A 161 6.68 8.02 -3.16
C ILE A 161 6.70 9.51 -3.56
N PRO A 162 6.15 9.94 -4.70
CA PRO A 162 6.20 11.38 -5.00
C PRO A 162 5.54 12.25 -3.93
N LYS A 163 4.56 11.72 -3.19
CA LYS A 163 3.93 12.60 -2.21
C LYS A 163 4.76 12.75 -0.94
N LYS A 164 5.58 11.74 -0.57
CA LYS A 164 6.45 11.94 0.58
C LYS A 164 7.66 12.81 0.24
N LEU A 165 8.16 12.71 -1.00
CA LEU A 165 9.23 13.60 -1.42
C LEU A 165 8.75 15.05 -1.46
N MET A 166 7.51 15.28 -1.91
CA MET A 166 7.01 16.65 -1.87
C MET A 166 6.72 17.06 -0.43
N HIS A 167 6.38 16.11 0.44
CA HIS A 167 6.36 16.39 1.87
C HIS A 167 7.76 16.77 2.38
N GLN A 168 8.82 16.06 1.94
CA GLN A 168 10.17 16.42 2.40
C GLN A 168 10.52 17.87 2.02
N ALA A 169 10.28 18.26 0.77
CA ALA A 169 10.55 19.63 0.36
C ALA A 169 9.70 20.64 1.13
N GLY A 170 8.50 20.24 1.54
CA GLY A 170 7.70 21.10 2.39
C GLY A 170 8.35 21.28 3.76
N LEU A 171 8.93 20.21 4.31
CA LEU A 171 9.54 20.28 5.63
C LEU A 171 10.83 21.07 5.58
N LEU A 172 11.51 21.06 4.43
CA LEU A 172 12.76 21.79 4.33
C LEU A 172 12.55 23.28 4.46
N SER A 173 11.35 23.78 4.21
CA SER A 173 11.10 25.20 4.42
C SER A 173 11.23 25.56 5.90
N HIS A 174 10.81 24.67 6.78
CA HIS A 174 10.91 24.95 8.21
C HIS A 174 12.29 24.62 8.76
N ALA A 175 13.02 23.72 8.10
CA ALA A 175 14.44 23.62 8.34
C ALA A 175 15.14 24.96 8.07
N LEU A 176 14.80 25.64 6.98
CA LEU A 176 15.47 26.90 6.65
C LEU A 176 15.19 27.97 7.69
N GLU A 177 13.90 28.15 8.03
CA GLU A 177 13.50 28.96 9.18
C GLU A 177 14.30 28.58 10.41
N ASP A 178 14.28 27.30 10.79
CA ASP A 178 14.92 26.87 12.02
C ASP A 178 16.40 27.17 12.04
N ALA A 179 17.06 27.17 10.88
CA ALA A 179 18.52 27.30 10.83
C ALA A 179 19.01 28.65 11.36
N GLU A 180 18.19 29.70 11.25
CA GLU A 180 18.61 31.01 11.76
C GLU A 180 18.86 30.94 13.27
N HIS A 181 17.91 30.36 14.01
CA HIS A 181 18.01 30.29 15.46
C HIS A 181 19.16 29.42 15.94
N PHE A 182 19.62 28.47 15.12
CA PHE A 182 20.73 27.60 15.48
C PHE A 182 22.08 28.15 15.05
N GLY A 183 22.13 29.38 14.52
CA GLY A 183 23.38 30.05 14.24
C GLY A 183 23.79 30.18 12.77
N TRP A 184 23.01 29.65 11.82
CA TRP A 184 23.36 29.78 10.40
C TRP A 184 22.89 31.13 9.84
N SER A 185 23.59 31.62 8.81
CA SER A 185 23.50 33.03 8.44
C SER A 185 22.33 33.40 7.53
N LEU A 186 21.77 32.47 6.78
CA LEU A 186 20.73 32.75 5.77
C LEU A 186 19.52 33.55 6.29
N ASP A 187 18.77 34.17 5.37
CA ASP A 187 17.51 34.86 5.71
C ASP A 187 16.39 34.20 4.91
N ARG A 188 15.57 33.40 5.61
CA ARG A 188 14.50 32.64 4.98
C ARG A 188 13.63 33.50 4.07
N SER A 189 13.34 34.74 4.47
CA SER A 189 12.43 35.59 3.71
C SER A 189 13.00 36.05 2.36
N LYS A 190 14.23 35.70 2.00
CA LYS A 190 14.75 35.96 0.66
C LYS A 190 14.97 34.68 -0.15
N ILE A 191 14.43 33.55 0.31
CA ILE A 191 14.51 32.29 -0.44
C ILE A 191 13.13 31.96 -0.95
N SER A 192 13.03 31.59 -2.23
CA SER A 192 11.77 31.18 -2.82
C SER A 192 11.91 29.73 -3.30
N HIS A 193 10.79 29.14 -3.72
CA HIS A 193 10.78 27.76 -4.19
C HIS A 193 10.46 27.68 -5.67
N ASN A 194 11.12 26.74 -6.37
CA ASN A 194 10.95 26.52 -7.80
C ASN A 194 10.26 25.15 -8.00
N TRP A 195 8.98 25.18 -8.37
CA TRP A 195 8.18 23.95 -8.43
C TRP A 195 8.72 22.98 -9.48
N SER A 196 8.98 23.47 -10.69
CA SER A 196 9.37 22.57 -11.77
C SER A 196 10.72 21.90 -11.49
N THR A 197 11.65 22.61 -10.84
CA THR A 197 12.91 21.98 -10.44
C THR A 197 12.67 20.82 -9.47
N MET A 198 11.75 21.01 -8.52
CA MET A 198 11.38 19.92 -7.61
C MET A 198 10.78 18.75 -8.39
N VAL A 199 9.83 19.05 -9.26
CA VAL A 199 9.16 17.99 -10.02
C VAL A 199 10.16 17.19 -10.86
N GLU A 200 11.14 17.86 -11.46
CA GLU A 200 12.11 17.12 -12.28
C GLU A 200 12.89 16.11 -11.44
N GLY A 201 13.32 16.50 -10.24
CA GLY A 201 14.04 15.59 -9.37
C GLY A 201 13.18 14.44 -8.87
N VAL A 202 11.91 14.72 -8.55
CA VAL A 202 11.00 13.65 -8.12
C VAL A 202 10.77 12.67 -9.26
N GLN A 203 10.45 13.19 -10.44
CA GLN A 203 10.18 12.36 -11.60
C GLN A 203 11.39 11.55 -12.01
N SER A 204 12.59 12.10 -11.86
CA SER A 204 13.79 11.35 -12.18
C SER A 204 13.92 10.13 -11.29
N HIS A 205 13.68 10.29 -9.98
CA HIS A 205 13.75 9.13 -9.09
C HIS A 205 12.66 8.10 -9.44
N ILE A 206 11.46 8.55 -9.79
CA ILE A 206 10.43 7.60 -10.20
C ILE A 206 10.88 6.83 -11.45
N GLY A 207 11.51 7.54 -12.39
CA GLY A 207 11.92 6.89 -13.63
C GLY A 207 12.89 5.75 -13.38
N SER A 208 13.82 5.96 -12.44
CA SER A 208 14.67 4.84 -12.05
C SER A 208 13.90 3.74 -11.34
N LEU A 209 12.75 4.01 -10.74
CA LEU A 209 11.97 2.91 -10.18
C LEU A 209 11.26 2.11 -11.28
N ASN A 210 10.55 2.80 -12.21
CA ASN A 210 10.04 2.17 -13.43
C ASN A 210 11.08 1.23 -14.05
N TRP A 211 12.27 1.76 -14.32
CA TRP A 211 13.31 0.97 -14.96
C TRP A 211 13.73 -0.19 -14.07
N GLY A 212 13.99 0.07 -12.79
CA GLY A 212 14.39 -0.97 -11.87
C GLY A 212 13.41 -2.14 -11.82
N TYR A 213 12.10 -1.86 -11.83
CA TYR A 213 11.11 -2.93 -11.84
C TYR A 213 11.19 -3.76 -13.12
N LYS A 214 11.35 -3.13 -14.28
CA LYS A 214 11.49 -3.90 -15.51
C LYS A 214 12.72 -4.81 -15.46
N VAL A 215 13.85 -4.26 -15.03
CA VAL A 215 15.04 -5.06 -14.87
C VAL A 215 14.81 -6.18 -13.86
N ALA A 216 13.97 -5.96 -12.85
CA ALA A 216 13.73 -7.02 -11.87
C ALA A 216 12.96 -8.18 -12.49
N LEU A 217 11.88 -7.87 -13.23
CA LEU A 217 11.09 -8.91 -13.88
C LEU A 217 11.92 -9.70 -14.89
N ARG A 218 12.75 -9.01 -15.68
CA ARG A 218 13.57 -9.73 -16.64
C ARG A 218 14.54 -10.67 -15.92
N ASP A 219 15.14 -10.22 -14.82
CA ASP A 219 16.07 -11.06 -14.07
C ASP A 219 15.39 -12.20 -13.31
N ASN A 220 14.07 -12.18 -13.16
CA ASN A 220 13.35 -13.31 -12.58
C ASN A 220 12.64 -14.14 -13.64
N GLN A 221 12.92 -13.89 -14.93
CA GLN A 221 12.33 -14.65 -16.04
C GLN A 221 10.82 -14.48 -16.10
N VAL A 222 10.33 -13.29 -15.80
CA VAL A 222 8.90 -12.99 -15.79
C VAL A 222 8.54 -12.27 -17.09
N THR A 223 7.61 -12.81 -17.88
CA THR A 223 7.15 -12.08 -19.05
C THR A 223 6.39 -10.84 -18.61
N TYR A 224 6.79 -9.68 -19.12
CA TYR A 224 6.10 -8.43 -18.81
C TYR A 224 5.41 -7.92 -20.08
N LEU A 225 4.08 -7.84 -20.04
CA LEU A 225 3.27 -7.38 -21.16
C LEU A 225 2.66 -6.03 -20.82
N ASN A 226 2.91 -5.03 -21.65
CA ASN A 226 2.35 -3.69 -21.43
C ASN A 226 1.00 -3.60 -22.15
N ALA A 227 -0.02 -4.22 -21.55
CA ALA A 227 -1.32 -4.33 -22.22
C ALA A 227 -2.46 -4.54 -21.22
N LYS A 228 -3.67 -4.20 -21.66
CA LYS A 228 -4.86 -4.27 -20.81
C LYS A 228 -5.38 -5.71 -20.74
N GLY A 229 -5.60 -6.20 -19.52
CA GLY A 229 -6.06 -7.57 -19.30
C GLY A 229 -7.56 -7.65 -19.03
N ARG A 230 -8.20 -8.67 -19.61
CA ARG A 230 -9.62 -8.96 -19.41
C ARG A 230 -9.78 -10.45 -19.14
N LEU A 231 -10.30 -10.80 -17.96
CA LEU A 231 -10.59 -12.19 -17.64
C LEU A 231 -11.91 -12.56 -18.29
N ILE A 232 -11.86 -13.45 -19.29
CA ILE A 232 -13.06 -13.87 -20.01
C ILE A 232 -13.56 -15.24 -19.54
N SER A 233 -12.71 -16.05 -18.92
CA SER A 233 -13.11 -17.32 -18.33
C SER A 233 -12.07 -17.68 -17.28
N PRO A 234 -12.30 -18.73 -16.47
CA PRO A 234 -11.38 -18.96 -15.33
C PRO A 234 -9.90 -19.00 -15.70
N HIS A 235 -9.53 -19.55 -16.87
CA HIS A 235 -8.13 -19.66 -17.25
C HIS A 235 -7.77 -18.86 -18.48
N GLU A 236 -8.64 -18.00 -19.01
CA GLU A 236 -8.36 -17.27 -20.25
C GLU A 236 -8.41 -15.78 -19.99
N VAL A 237 -7.32 -15.10 -20.35
CA VAL A 237 -7.20 -13.64 -20.25
C VAL A 237 -7.00 -13.06 -21.64
N GLN A 238 -7.84 -12.11 -22.01
CA GLN A 238 -7.69 -11.41 -23.28
C GLN A 238 -6.85 -10.15 -23.07
N ILE A 239 -5.96 -9.86 -24.02
CA ILE A 239 -5.06 -8.72 -23.91
C ILE A 239 -5.19 -7.83 -25.14
N THR A 240 -5.24 -6.52 -24.92
CA THR A 240 -5.16 -5.53 -25.99
C THR A 240 -3.92 -4.68 -25.75
N ASP A 241 -3.04 -4.66 -26.74
CA ASP A 241 -1.77 -3.96 -26.61
C ASP A 241 -1.91 -2.51 -27.08
N LYS A 242 -0.78 -1.81 -27.22
CA LYS A 242 -0.80 -0.38 -27.51
C LYS A 242 -1.35 -0.08 -28.91
N ASN A 243 -1.17 -1.00 -29.86
CA ASN A 243 -1.69 -0.83 -31.22
C ASN A 243 -3.04 -1.49 -31.41
N GLN A 244 -3.75 -1.75 -30.32
CA GLN A 244 -5.09 -2.34 -30.35
C GLN A 244 -5.11 -3.77 -30.88
N LYS A 245 -3.97 -4.47 -30.86
CA LYS A 245 -3.96 -5.87 -31.27
C LYS A 245 -4.42 -6.77 -30.13
N VAL A 246 -5.37 -7.65 -30.42
CA VAL A 246 -6.11 -8.40 -29.42
C VAL A 246 -5.77 -9.88 -29.53
N SER A 247 -5.53 -10.52 -28.39
CA SER A 247 -5.13 -11.93 -28.35
C SER A 247 -5.48 -12.50 -26.98
N THR A 248 -5.22 -13.80 -26.82
CA THR A 248 -5.59 -14.55 -25.61
C THR A 248 -4.40 -15.35 -25.11
N ILE A 249 -4.22 -15.36 -23.79
CA ILE A 249 -3.24 -16.24 -23.15
C ILE A 249 -3.95 -16.97 -22.03
N THR A 250 -3.43 -18.15 -21.68
CA THR A 250 -4.02 -19.00 -20.66
C THR A 250 -3.07 -19.15 -19.47
N GLY A 251 -3.65 -19.36 -18.30
CA GLY A 251 -2.87 -19.51 -17.08
C GLY A 251 -3.58 -20.39 -16.10
N ASN A 252 -2.80 -21.14 -15.32
CA ASN A 252 -3.39 -21.99 -14.28
C ASN A 252 -3.96 -21.14 -13.16
N LYS A 253 -3.13 -20.32 -12.52
CA LYS A 253 -3.58 -19.44 -11.45
C LYS A 253 -3.63 -18.00 -11.95
N ILE A 254 -4.59 -17.24 -11.44
CA ILE A 254 -4.83 -15.85 -11.81
C ILE A 254 -4.90 -15.01 -10.55
N ILE A 255 -4.11 -13.93 -10.51
CA ILE A 255 -4.16 -12.96 -9.42
C ILE A 255 -4.63 -11.64 -10.00
N LEU A 256 -5.67 -11.07 -9.39
CA LEU A 256 -6.19 -9.76 -9.77
C LEU A 256 -5.61 -8.71 -8.82
N ALA A 257 -4.93 -7.72 -9.38
CA ALA A 257 -4.22 -6.72 -8.59
C ALA A 257 -4.34 -5.34 -9.25
N THR A 258 -5.50 -5.05 -9.85
CA THR A 258 -5.65 -3.85 -10.67
C THR A 258 -5.83 -2.56 -9.88
N GLY A 259 -6.03 -2.60 -8.55
CA GLY A 259 -6.07 -1.32 -7.84
C GLY A 259 -7.28 -0.45 -8.18
N GLU A 260 -7.12 0.87 -7.96
CA GLU A 260 -8.21 1.84 -8.02
C GLU A 260 -7.75 3.09 -8.74
N ARG A 261 -8.68 4.03 -8.92
CA ARG A 261 -8.43 5.33 -9.53
C ARG A 261 -9.34 6.36 -8.87
N PRO A 262 -9.01 7.66 -8.98
CA PRO A 262 -9.75 8.69 -8.24
C PRO A 262 -11.16 8.93 -8.76
N LYS A 263 -12.04 9.33 -7.85
CA LYS A 263 -13.40 9.76 -8.16
C LYS A 263 -13.43 11.25 -8.49
N TYR A 264 -14.47 11.65 -9.24
CA TYR A 264 -14.86 13.01 -9.55
C TYR A 264 -16.31 13.25 -9.11
N PRO A 265 -16.62 14.41 -8.53
CA PRO A 265 -18.03 14.69 -8.19
C PRO A 265 -18.82 15.02 -9.45
N GLU A 266 -20.05 14.53 -9.51
CA GLU A 266 -20.89 14.75 -10.70
C GLU A 266 -21.47 16.15 -10.66
N ILE A 267 -20.63 17.13 -10.99
CA ILE A 267 -21.06 18.53 -11.13
C ILE A 267 -20.48 19.08 -12.43
N PRO A 268 -21.08 20.13 -13.00
CA PRO A 268 -20.57 20.67 -14.27
C PRO A 268 -19.21 21.30 -14.06
N GLY A 269 -18.32 21.05 -15.03
CA GLY A 269 -16.98 21.62 -15.05
C GLY A 269 -15.91 20.81 -14.35
N ALA A 270 -16.26 19.72 -13.67
CA ALA A 270 -15.29 19.09 -12.78
C ALA A 270 -14.26 18.31 -13.59
N VAL A 271 -14.71 17.36 -14.42
CA VAL A 271 -13.78 16.60 -15.26
C VAL A 271 -13.10 17.50 -16.26
N GLU A 272 -13.78 18.57 -16.69
CA GLU A 272 -13.18 19.41 -17.72
C GLU A 272 -12.08 20.30 -17.14
N TYR A 273 -12.29 20.86 -15.95
CA TYR A 273 -11.41 21.92 -15.47
C TYR A 273 -10.67 21.62 -14.16
N GLY A 274 -11.01 20.53 -13.44
CA GLY A 274 -10.28 20.16 -12.25
C GLY A 274 -9.19 19.11 -12.54
N ILE A 275 -8.33 18.85 -11.55
CA ILE A 275 -7.32 17.79 -11.64
C ILE A 275 -7.45 16.90 -10.42
N THR A 276 -6.77 15.77 -10.45
CA THR A 276 -6.65 14.92 -9.26
C THR A 276 -5.17 14.70 -8.90
N SER A 277 -4.95 13.97 -7.79
CA SER A 277 -3.61 13.52 -7.43
C SER A 277 -2.90 12.79 -8.57
N ASP A 278 -3.66 12.20 -9.49
CA ASP A 278 -3.04 11.51 -10.62
C ASP A 278 -2.22 12.45 -11.50
N ASP A 279 -2.65 13.71 -11.61
CA ASP A 279 -1.98 14.73 -12.42
C ASP A 279 -1.09 15.64 -11.59
N LEU A 280 -1.34 15.76 -10.28
CA LEU A 280 -0.60 16.71 -9.46
C LEU A 280 0.90 16.41 -9.47
N PHE A 281 1.27 15.12 -9.39
CA PHE A 281 2.68 14.79 -9.11
C PHE A 281 3.61 14.95 -10.30
N SER A 282 3.10 15.18 -11.51
CA SER A 282 3.95 15.53 -12.64
C SER A 282 3.50 16.83 -13.31
N LEU A 283 2.72 17.66 -12.59
CA LEU A 283 2.18 18.91 -13.14
C LEU A 283 3.31 19.81 -13.64
N PRO A 284 3.30 20.22 -14.91
CA PRO A 284 4.43 21.02 -15.42
C PRO A 284 4.46 22.46 -14.92
N TYR A 285 3.44 22.93 -14.19
CA TYR A 285 3.38 24.31 -13.71
C TYR A 285 3.01 24.33 -12.23
N PHE A 286 3.40 25.39 -11.53
CA PHE A 286 3.01 25.46 -10.13
C PHE A 286 1.50 25.67 -10.03
N PRO A 287 0.81 24.94 -9.14
CA PRO A 287 -0.66 25.12 -9.04
C PRO A 287 -1.11 26.55 -8.78
N GLY A 288 -0.33 27.36 -8.06
CA GLY A 288 -0.77 28.70 -7.68
C GLY A 288 -1.83 28.66 -6.58
N LYS A 289 -2.70 29.68 -6.57
CA LYS A 289 -3.81 29.69 -5.62
C LYS A 289 -4.75 28.53 -5.91
N THR A 290 -4.85 27.62 -4.93
CA THR A 290 -5.41 26.30 -5.13
C THR A 290 -6.56 26.02 -4.18
N LEU A 291 -7.59 25.36 -4.69
CA LEU A 291 -8.70 24.90 -3.88
C LEU A 291 -8.69 23.38 -3.90
N VAL A 292 -8.62 22.78 -2.71
CA VAL A 292 -8.72 21.33 -2.56
C VAL A 292 -10.14 21.01 -2.13
N ILE A 293 -10.83 20.19 -2.92
CA ILE A 293 -12.17 19.74 -2.58
C ILE A 293 -12.05 18.31 -2.06
N GLY A 294 -12.20 18.17 -0.75
CA GLY A 294 -12.23 16.88 -0.10
C GLY A 294 -11.65 16.98 1.30
N ALA A 295 -11.79 15.89 2.04
CA ALA A 295 -11.32 15.90 3.43
C ALA A 295 -10.54 14.64 3.83
N SER A 296 -10.07 13.86 2.87
CA SER A 296 -9.38 12.60 3.16
C SER A 296 -7.94 12.87 3.56
N TYR A 297 -7.17 11.80 3.80
CA TYR A 297 -5.75 12.00 4.07
C TYR A 297 -5.03 12.50 2.83
N VAL A 298 -5.46 12.07 1.64
CA VAL A 298 -4.93 12.63 0.39
C VAL A 298 -5.21 14.11 0.30
N ALA A 299 -6.43 14.54 0.66
CA ALA A 299 -6.74 15.95 0.58
C ALA A 299 -5.82 16.77 1.47
N LEU A 300 -5.55 16.28 2.69
CA LEU A 300 -4.81 17.11 3.63
C LEU A 300 -3.30 17.07 3.39
N GLU A 301 -2.74 15.92 3.01
CA GLU A 301 -1.31 15.86 2.71
C GLU A 301 -0.96 16.77 1.53
N CYS A 302 -1.83 16.86 0.52
CA CYS A 302 -1.48 17.65 -0.66
C CYS A 302 -1.63 19.15 -0.38
N ALA A 303 -2.76 19.55 0.21
CA ALA A 303 -2.88 20.91 0.71
C ALA A 303 -1.72 21.26 1.62
N GLY A 304 -1.31 20.32 2.47
CA GLY A 304 -0.23 20.60 3.40
C GLY A 304 1.06 21.01 2.74
N PHE A 305 1.53 20.24 1.76
CA PHE A 305 2.81 20.63 1.19
C PHE A 305 2.69 21.77 0.20
N LEU A 306 1.53 21.96 -0.44
CA LEU A 306 1.38 23.12 -1.33
C LEU A 306 1.54 24.42 -0.55
N ALA A 307 1.02 24.46 0.67
CA ALA A 307 1.11 25.65 1.48
C ALA A 307 2.53 25.90 1.95
N SER A 308 3.24 24.85 2.38
CA SER A 308 4.63 25.01 2.80
C SER A 308 5.54 25.41 1.66
N LEU A 309 5.18 25.14 0.40
CA LEU A 309 5.97 25.62 -0.73
C LEU A 309 5.51 26.99 -1.24
N GLY A 310 4.78 27.75 -0.43
CA GLY A 310 4.43 29.11 -0.78
C GLY A 310 3.11 29.30 -1.48
N GLY A 311 2.24 28.29 -1.53
CA GLY A 311 0.96 28.42 -2.21
C GLY A 311 -0.14 28.96 -1.31
N ASP A 312 -1.10 29.63 -1.94
CA ASP A 312 -2.33 30.08 -1.30
C ASP A 312 -3.36 28.96 -1.45
N VAL A 313 -3.80 28.39 -0.34
CA VAL A 313 -4.50 27.11 -0.34
C VAL A 313 -5.77 27.18 0.51
N THR A 314 -6.87 26.65 -0.05
CA THR A 314 -8.12 26.46 0.68
C THR A 314 -8.56 25.01 0.56
N VAL A 315 -9.07 24.45 1.65
CA VAL A 315 -9.66 23.11 1.66
C VAL A 315 -11.16 23.26 1.92
N MET A 316 -11.98 22.63 1.08
CA MET A 316 -13.43 22.70 1.21
C MET A 316 -13.93 21.42 1.85
N VAL A 317 -14.50 21.54 3.06
CA VAL A 317 -14.85 20.38 3.90
C VAL A 317 -16.36 20.22 3.92
N ARG A 318 -16.84 19.11 3.37
CA ARG A 318 -18.26 18.81 3.37
C ARG A 318 -18.81 18.66 4.78
N SER A 319 -18.22 17.74 5.56
CA SER A 319 -18.69 17.47 6.92
C SER A 319 -17.53 17.47 7.91
N ILE A 320 -16.77 16.38 7.99
CA ILE A 320 -15.68 16.28 8.94
C ILE A 320 -14.40 15.97 8.21
N LEU A 321 -13.27 16.19 8.90
CA LEU A 321 -11.96 15.79 8.43
C LEU A 321 -11.68 14.32 8.77
N LEU A 322 -11.14 13.60 7.80
CA LEU A 322 -10.56 12.26 8.01
C LEU A 322 -11.57 11.28 8.62
N ARG A 323 -12.73 11.18 7.98
CA ARG A 323 -13.75 10.25 8.46
C ARG A 323 -13.20 8.84 8.56
N GLY A 324 -13.32 8.24 9.74
CA GLY A 324 -12.76 6.93 10.02
C GLY A 324 -11.55 6.94 10.94
N PHE A 325 -10.83 8.06 11.04
CA PHE A 325 -9.76 8.21 12.01
C PHE A 325 -10.28 8.78 13.32
N ASP A 326 -9.55 8.54 14.40
CA ASP A 326 -9.81 9.15 15.70
C ASP A 326 -10.11 10.64 15.52
N GLN A 327 -11.31 11.08 15.92
CA GLN A 327 -11.73 12.41 15.52
C GLN A 327 -11.10 13.52 16.36
N GLN A 328 -10.68 13.23 17.60
CA GLN A 328 -9.86 14.20 18.32
C GLN A 328 -8.52 14.42 17.61
N MET A 329 -7.84 13.33 17.26
CA MET A 329 -6.59 13.41 16.52
C MET A 329 -6.77 14.13 15.18
N ALA A 330 -7.86 13.84 14.47
CA ALA A 330 -8.14 14.55 13.22
C ALA A 330 -8.22 16.05 13.45
N GLU A 331 -8.90 16.46 14.53
CA GLU A 331 -9.13 17.89 14.74
C GLU A 331 -7.85 18.59 15.17
N LYS A 332 -7.04 17.92 16.00
CA LYS A 332 -5.72 18.47 16.28
C LYS A 332 -4.95 18.66 14.98
N VAL A 333 -4.97 17.64 14.10
CA VAL A 333 -4.31 17.72 12.79
C VAL A 333 -4.80 18.92 12.01
N GLY A 334 -6.12 19.10 11.94
CA GLY A 334 -6.65 20.20 11.15
C GLY A 334 -6.30 21.56 11.71
N ASP A 335 -6.41 21.71 13.05
CA ASP A 335 -6.08 22.96 13.72
C ASP A 335 -4.63 23.36 13.49
N TYR A 336 -3.71 22.40 13.42
CA TYR A 336 -2.32 22.76 13.14
C TYR A 336 -2.18 23.38 11.76
N MET A 337 -2.80 22.76 10.76
CA MET A 337 -2.78 23.31 9.40
C MET A 337 -3.35 24.72 9.38
N GLU A 338 -4.50 24.92 10.03
CA GLU A 338 -5.15 26.23 10.01
C GLU A 338 -4.26 27.31 10.64
N ASN A 339 -3.51 26.95 11.68
CA ASN A 339 -2.63 27.93 12.30
C ASN A 339 -1.36 28.19 11.52
N HIS A 340 -1.08 27.41 10.48
CA HIS A 340 0.09 27.62 9.62
C HIS A 340 -0.31 27.79 8.15
N GLY A 341 -1.36 28.57 7.87
CA GLY A 341 -1.55 29.10 6.54
C GLY A 341 -2.47 28.33 5.59
N VAL A 342 -3.13 27.28 6.03
CA VAL A 342 -4.15 26.63 5.22
C VAL A 342 -5.51 27.18 5.64
N LYS A 343 -6.31 27.61 4.66
CA LYS A 343 -7.67 28.06 4.92
C LYS A 343 -8.66 26.91 4.75
N PHE A 344 -9.69 26.91 5.59
CA PHE A 344 -10.69 25.86 5.57
C PHE A 344 -12.07 26.47 5.33
N ALA A 345 -12.83 25.89 4.40
CA ALA A 345 -14.21 26.31 4.13
C ALA A 345 -15.09 25.17 4.60
N LYS A 346 -15.59 25.30 5.83
CA LYS A 346 -16.24 24.21 6.54
C LYS A 346 -17.74 24.16 6.26
N LEU A 347 -18.28 22.94 6.15
CA LEU A 347 -19.67 22.66 5.81
C LEU A 347 -20.06 23.34 4.49
N CYS A 348 -19.25 23.06 3.46
CA CYS A 348 -19.37 23.70 2.16
C CYS A 348 -19.31 22.62 1.08
N VAL A 349 -20.13 22.78 0.04
CA VAL A 349 -20.17 21.83 -1.07
C VAL A 349 -20.09 22.59 -2.38
N PRO A 350 -19.43 22.06 -3.41
CA PRO A 350 -19.36 22.77 -4.70
C PRO A 350 -20.53 22.40 -5.61
N ASP A 351 -21.00 23.39 -6.36
CA ASP A 351 -22.04 23.14 -7.36
C ASP A 351 -21.55 23.21 -8.79
N GLU A 352 -20.44 23.91 -9.05
CA GLU A 352 -20.08 24.25 -10.43
C GLU A 352 -18.65 24.78 -10.48
N ILE A 353 -17.98 24.54 -11.61
CA ILE A 353 -16.68 25.11 -11.95
C ILE A 353 -16.80 25.78 -13.30
N LYS A 354 -16.53 27.07 -13.37
CA LYS A 354 -16.50 27.79 -14.64
C LYS A 354 -15.05 28.15 -14.98
N GLN A 355 -14.71 28.06 -16.25
CA GLN A 355 -13.37 28.39 -16.70
C GLN A 355 -13.28 29.87 -17.07
N LEU A 356 -12.21 30.53 -16.61
CA LEU A 356 -11.91 31.90 -16.97
C LEU A 356 -10.64 32.08 -17.78
N LYS A 357 -9.64 31.20 -17.60
CA LYS A 357 -8.47 31.15 -18.46
C LYS A 357 -8.14 29.69 -18.74
N VAL A 358 -7.81 29.39 -19.99
CA VAL A 358 -7.23 28.10 -20.35
C VAL A 358 -5.81 28.03 -19.77
N VAL A 359 -5.33 26.81 -19.52
CA VAL A 359 -3.95 26.61 -19.07
C VAL A 359 -2.97 27.01 -20.18
N ASP A 360 -1.95 27.79 -19.79
CA ASP A 360 -0.90 28.30 -20.70
C ASP A 360 0.18 27.23 -20.91
N THR A 361 -0.01 26.40 -21.94
CA THR A 361 0.88 25.27 -22.20
C THR A 361 2.31 25.72 -22.47
N GLU A 362 2.49 26.89 -23.09
CA GLU A 362 3.80 27.25 -23.59
C GLU A 362 4.68 27.87 -22.51
N ASN A 363 4.14 28.82 -21.75
CA ASN A 363 4.87 29.49 -20.68
C ASN A 363 4.84 28.73 -19.34
N ASN A 364 4.19 27.57 -19.29
CA ASN A 364 4.03 26.76 -18.07
C ASN A 364 3.41 27.59 -16.93
N LYS A 365 2.16 27.97 -17.15
CA LYS A 365 1.41 28.74 -16.19
C LYS A 365 0.01 28.16 -16.05
N PRO A 366 -0.56 28.16 -14.84
CA PRO A 366 -1.90 27.61 -14.66
C PRO A 366 -2.95 28.47 -15.36
N GLY A 367 -4.14 27.88 -15.54
CA GLY A 367 -5.28 28.64 -16.01
C GLY A 367 -5.88 29.48 -14.90
N LEU A 368 -7.19 29.71 -14.99
CA LEU A 368 -7.94 30.39 -13.95
C LEU A 368 -9.39 29.91 -13.97
N LEU A 369 -9.93 29.63 -12.77
CA LEU A 369 -11.21 28.98 -12.60
C LEU A 369 -12.07 29.76 -11.63
N LEU A 370 -13.39 29.61 -11.78
CA LEU A 370 -14.38 30.15 -10.85
C LEU A 370 -15.18 29.01 -10.26
N VAL A 371 -15.22 28.96 -8.91
CA VAL A 371 -15.90 27.89 -8.19
C VAL A 371 -17.13 28.48 -7.49
N LYS A 372 -18.29 27.89 -7.75
CA LYS A 372 -19.54 28.28 -7.09
C LYS A 372 -20.03 27.14 -6.22
N GLY A 373 -20.33 27.45 -4.96
CA GLY A 373 -20.85 26.49 -4.01
C GLY A 373 -21.77 27.14 -3.00
N HIS A 374 -22.23 26.39 -2.00
CA HIS A 374 -23.09 26.95 -0.97
C HIS A 374 -22.81 26.28 0.37
N TYR A 375 -23.03 27.02 1.45
CA TYR A 375 -22.93 26.51 2.80
C TYR A 375 -24.29 26.01 3.29
N THR A 376 -24.25 25.17 4.32
CA THR A 376 -25.50 24.67 4.91
C THR A 376 -26.31 25.80 5.57
N ASP A 377 -25.67 26.89 5.99
CA ASP A 377 -26.39 28.03 6.58
C ASP A 377 -27.05 28.91 5.51
N GLY A 378 -26.96 28.53 4.23
CA GLY A 378 -27.55 29.28 3.16
C GLY A 378 -26.58 30.12 2.34
N LYS A 379 -25.46 30.54 2.91
CA LYS A 379 -24.59 31.46 2.19
C LYS A 379 -24.01 30.79 0.94
N LYS A 380 -23.82 31.60 -0.09
CA LYS A 380 -23.22 31.13 -1.33
C LYS A 380 -21.71 31.17 -1.19
N PHE A 381 -21.03 30.20 -1.82
CA PHE A 381 -19.59 30.23 -1.98
C PHE A 381 -19.26 30.62 -3.41
N GLU A 382 -18.39 31.61 -3.58
CA GLU A 382 -18.00 32.05 -4.91
C GLU A 382 -16.58 32.62 -4.87
N GLU A 383 -15.63 31.98 -5.54
CA GLU A 383 -14.26 32.44 -5.41
C GLU A 383 -13.42 31.92 -6.58
N GLU A 384 -12.33 32.63 -6.87
CA GLU A 384 -11.46 32.31 -7.99
C GLU A 384 -10.21 31.58 -7.50
N PHE A 385 -9.81 30.56 -8.27
CA PHE A 385 -8.65 29.72 -7.99
C PHE A 385 -7.93 29.41 -9.29
N GLU A 386 -6.60 29.31 -9.23
CA GLU A 386 -5.90 28.92 -10.45
C GLU A 386 -5.97 27.42 -10.66
N THR A 387 -6.16 26.64 -9.60
CA THR A 387 -6.21 25.20 -9.70
C THR A 387 -7.21 24.63 -8.72
N VAL A 388 -7.97 23.63 -9.16
CA VAL A 388 -8.91 22.91 -8.33
C VAL A 388 -8.56 21.43 -8.35
N ILE A 389 -8.23 20.88 -7.17
CA ILE A 389 -7.91 19.46 -7.03
C ILE A 389 -9.09 18.75 -6.38
N PHE A 390 -9.46 17.58 -6.93
CA PHE A 390 -10.47 16.73 -6.34
C PHE A 390 -9.78 15.55 -5.65
N ALA A 391 -10.03 15.41 -4.33
CA ALA A 391 -9.65 14.24 -3.54
C ALA A 391 -10.89 13.86 -2.74
N VAL A 392 -11.85 13.23 -3.41
CA VAL A 392 -13.14 12.89 -2.82
C VAL A 392 -13.40 11.38 -2.85
N GLY A 393 -12.35 10.57 -2.97
CA GLY A 393 -12.48 9.13 -2.89
C GLY A 393 -11.77 8.45 -4.04
N ARG A 394 -11.73 7.12 -3.93
CA ARG A 394 -11.18 6.26 -4.97
C ARG A 394 -12.04 5.01 -5.08
N GLU A 395 -12.04 4.40 -6.27
CA GLU A 395 -12.93 3.27 -6.57
C GLU A 395 -12.27 2.37 -7.60
N PRO A 396 -12.62 1.09 -7.64
CA PRO A 396 -12.09 0.19 -8.66
C PRO A 396 -12.94 0.24 -9.93
N GLN A 397 -12.41 -0.34 -11.00
CA GLN A 397 -13.07 -0.33 -12.30
C GLN A 397 -13.12 -1.76 -12.86
N LEU A 398 -13.71 -2.66 -12.09
CA LEU A 398 -13.61 -4.08 -12.41
C LEU A 398 -14.50 -4.51 -13.56
N SER A 399 -15.58 -3.76 -13.84
CA SER A 399 -16.40 -4.09 -15.00
C SER A 399 -15.59 -4.04 -16.29
N LYS A 400 -14.55 -3.20 -16.34
CA LYS A 400 -13.61 -3.16 -17.45
C LYS A 400 -12.60 -4.30 -17.42
N VAL A 401 -12.65 -5.19 -16.43
CA VAL A 401 -11.61 -6.20 -16.27
C VAL A 401 -12.21 -7.61 -16.22
N LEU A 402 -13.41 -7.69 -15.67
CA LEU A 402 -14.02 -8.95 -15.25
C LEU A 402 -15.33 -9.14 -16.01
N CYS A 403 -15.34 -10.03 -17.01
CA CYS A 403 -16.61 -10.35 -17.63
C CYS A 403 -17.51 -11.00 -16.59
N GLU A 404 -18.66 -10.38 -16.32
CA GLU A 404 -19.52 -10.82 -15.23
C GLU A 404 -19.97 -12.26 -15.37
N THR A 405 -19.79 -12.87 -16.54
CA THR A 405 -20.14 -14.28 -16.72
C THR A 405 -19.09 -15.24 -16.17
N VAL A 406 -17.92 -14.75 -15.76
CA VAL A 406 -16.90 -15.63 -15.19
C VAL A 406 -17.29 -16.08 -13.80
N GLY A 407 -18.03 -15.26 -13.07
CA GLY A 407 -18.53 -15.62 -11.77
C GLY A 407 -17.78 -15.07 -10.57
N VAL A 408 -17.05 -13.96 -10.72
CA VAL A 408 -16.37 -13.37 -9.58
C VAL A 408 -17.33 -12.43 -8.83
N LYS A 409 -17.62 -12.77 -7.58
CA LYS A 409 -18.56 -12.03 -6.75
C LYS A 409 -17.96 -10.70 -6.29
N LEU A 410 -18.65 -9.61 -6.58
CA LEU A 410 -18.27 -8.29 -6.10
C LEU A 410 -19.27 -7.82 -5.04
N ASP A 411 -18.85 -6.83 -4.25
CA ASP A 411 -19.71 -6.29 -3.22
C ASP A 411 -20.41 -5.04 -3.74
N LYS A 412 -21.08 -4.31 -2.85
CA LYS A 412 -21.86 -3.15 -3.31
C LYS A 412 -20.97 -2.00 -3.77
N ASN A 413 -19.70 -1.99 -3.36
CA ASN A 413 -18.72 -0.98 -3.80
C ASN A 413 -17.87 -1.44 -4.97
N GLY A 414 -18.11 -2.63 -5.50
CA GLY A 414 -17.34 -3.09 -6.64
C GLY A 414 -16.01 -3.71 -6.32
N ARG A 415 -15.75 -4.06 -5.07
CA ARG A 415 -14.53 -4.74 -4.64
C ARG A 415 -14.77 -6.24 -4.47
N VAL A 416 -13.70 -7.01 -4.62
CA VAL A 416 -13.78 -8.46 -4.75
C VAL A 416 -13.94 -9.10 -3.38
N VAL A 417 -14.90 -10.02 -3.28
CA VAL A 417 -15.16 -10.76 -2.04
C VAL A 417 -14.24 -11.98 -1.97
N CYS A 418 -13.43 -12.05 -0.92
CA CYS A 418 -12.47 -13.14 -0.79
C CYS A 418 -12.56 -13.79 0.58
N THR A 419 -12.11 -15.03 0.64
CA THR A 419 -11.81 -15.68 1.91
C THR A 419 -10.49 -15.16 2.49
N ASP A 420 -10.13 -15.65 3.66
CA ASP A 420 -8.98 -15.10 4.36
C ASP A 420 -7.65 -15.56 3.78
N ASP A 421 -7.66 -16.35 2.70
CA ASP A 421 -6.46 -16.61 1.95
C ASP A 421 -6.52 -15.99 0.55
N GLU A 422 -7.37 -14.97 0.36
CA GLU A 422 -7.46 -14.16 -0.87
C GLU A 422 -8.21 -14.82 -2.03
N GLN A 423 -8.77 -16.02 -1.83
CA GLN A 423 -9.50 -16.71 -2.90
C GLN A 423 -10.82 -16.00 -3.23
N THR A 424 -11.10 -15.88 -4.52
CA THR A 424 -12.39 -15.37 -4.97
C THR A 424 -13.39 -16.52 -5.06
N THR A 425 -14.64 -16.23 -5.44
CA THR A 425 -15.64 -17.28 -5.70
C THR A 425 -15.30 -18.14 -6.93
N VAL A 426 -14.17 -17.92 -7.61
CA VAL A 426 -13.67 -18.78 -8.67
C VAL A 426 -12.30 -19.32 -8.22
N SER A 427 -12.17 -20.65 -8.16
CA SER A 427 -11.22 -21.29 -7.25
C SER A 427 -9.76 -21.11 -7.63
N ASN A 428 -9.46 -20.74 -8.86
CA ASN A 428 -8.09 -20.49 -9.28
C ASN A 428 -7.81 -18.99 -9.42
N VAL A 429 -8.72 -18.15 -8.95
CA VAL A 429 -8.60 -16.71 -9.12
C VAL A 429 -8.53 -16.08 -7.73
N TYR A 430 -7.61 -15.12 -7.57
CA TYR A 430 -7.38 -14.48 -6.30
C TYR A 430 -7.37 -12.97 -6.50
N ALA A 431 -7.53 -12.24 -5.40
CA ALA A 431 -7.43 -10.78 -5.44
C ALA A 431 -6.59 -10.30 -4.27
N ILE A 432 -5.77 -9.29 -4.51
CA ILE A 432 -4.92 -8.70 -3.50
C ILE A 432 -4.94 -7.18 -3.64
N GLY A 433 -4.62 -6.49 -2.55
CA GLY A 433 -4.48 -5.04 -2.60
C GLY A 433 -5.81 -4.31 -2.49
N ASP A 434 -5.80 -3.07 -2.99
CA ASP A 434 -6.93 -2.17 -2.78
C ASP A 434 -8.25 -2.77 -3.25
N ILE A 435 -8.24 -3.77 -4.15
CA ILE A 435 -9.52 -4.32 -4.61
C ILE A 435 -10.05 -5.42 -3.72
N ASN A 436 -9.27 -5.89 -2.74
CA ASN A 436 -9.75 -6.93 -1.83
C ASN A 436 -10.70 -6.27 -0.82
N ALA A 437 -11.98 -6.63 -0.92
CA ALA A 437 -13.01 -6.01 -0.07
C ALA A 437 -12.69 -6.14 1.41
N GLY A 438 -12.73 -5.02 2.13
CA GLY A 438 -12.59 -5.00 3.58
C GLY A 438 -11.19 -4.89 4.15
N LYS A 439 -10.16 -4.90 3.30
CA LYS A 439 -8.79 -4.89 3.82
C LYS A 439 -8.21 -3.48 3.76
N PRO A 440 -7.35 -3.11 4.72
CA PRO A 440 -6.68 -1.80 4.67
C PRO A 440 -5.97 -1.57 3.34
N GLN A 441 -6.22 -0.39 2.77
CA GLN A 441 -5.72 -0.05 1.45
C GLN A 441 -4.34 0.61 1.60
N LEU A 442 -3.29 -0.21 1.62
CA LEU A 442 -1.94 0.25 1.98
C LEU A 442 -0.90 -0.57 1.23
N THR A 443 0.20 0.09 0.85
CA THR A 443 1.19 -0.59 0.01
C THR A 443 1.86 -1.76 0.72
N PRO A 444 2.35 -1.65 1.98
CA PRO A 444 2.94 -2.85 2.62
C PRO A 444 1.97 -4.01 2.79
N VAL A 445 0.69 -3.74 2.98
CA VAL A 445 -0.30 -4.81 3.08
C VAL A 445 -0.36 -5.60 1.79
N ALA A 446 -0.48 -4.90 0.67
CA ALA A 446 -0.58 -5.53 -0.65
C ALA A 446 0.67 -6.34 -0.97
N ILE A 447 1.85 -5.86 -0.56
CA ILE A 447 3.08 -6.62 -0.73
C ILE A 447 3.05 -7.90 0.11
N GLN A 448 2.74 -7.77 1.41
CA GLN A 448 2.63 -8.96 2.27
C GLN A 448 1.63 -9.97 1.71
N ALA A 449 0.49 -9.48 1.20
CA ALA A 449 -0.53 -10.39 0.67
C ALA A 449 -0.03 -11.10 -0.58
N GLY A 450 0.54 -10.34 -1.52
CA GLY A 450 1.07 -10.94 -2.73
C GLY A 450 2.15 -11.97 -2.45
N ARG A 451 3.14 -11.62 -1.61
CA ARG A 451 4.28 -12.51 -1.37
C ARG A 451 3.86 -13.78 -0.64
N TYR A 452 3.01 -13.63 0.40
CA TYR A 452 2.56 -14.79 1.15
C TYR A 452 1.71 -15.71 0.28
N LEU A 453 0.81 -15.13 -0.53
CA LEU A 453 0.01 -15.93 -1.44
C LEU A 453 0.89 -16.71 -2.41
N ALA A 454 1.90 -16.05 -2.99
CA ALA A 454 2.76 -16.75 -3.93
C ALA A 454 3.41 -17.96 -3.26
N ARG A 455 3.80 -17.84 -1.99
CA ARG A 455 4.42 -18.96 -1.29
C ARG A 455 3.43 -20.09 -1.01
N ARG A 456 2.15 -19.75 -0.75
CA ARG A 456 1.16 -20.80 -0.52
C ARG A 456 0.90 -21.57 -1.81
N LEU A 457 0.83 -20.88 -2.95
CA LEU A 457 0.51 -21.53 -4.21
C LEU A 457 1.64 -22.44 -4.69
N PHE A 458 2.88 -22.01 -4.58
CA PHE A 458 3.96 -22.67 -5.31
C PHE A 458 5.07 -23.21 -4.43
N ALA A 459 4.96 -23.08 -3.10
CA ALA A 459 5.98 -23.57 -2.19
C ALA A 459 5.39 -24.28 -0.97
N GLY A 460 4.09 -24.56 -0.96
CA GLY A 460 3.46 -25.27 0.14
C GLY A 460 3.38 -24.51 1.45
N ALA A 461 3.53 -23.20 1.43
CA ALA A 461 3.47 -22.49 2.69
C ALA A 461 2.03 -22.46 3.20
N THR A 462 1.90 -22.25 4.50
CA THR A 462 0.60 -22.15 5.15
C THR A 462 0.33 -20.76 5.70
N GLU A 463 1.36 -19.94 5.93
CA GLU A 463 1.20 -18.67 6.63
C GLU A 463 0.25 -17.72 5.90
N LEU A 464 -0.77 -17.24 6.61
CA LEU A 464 -1.71 -16.25 6.11
C LEU A 464 -1.22 -14.84 6.43
N THR A 465 -1.79 -13.85 5.76
CA THR A 465 -1.54 -12.44 6.07
C THR A 465 -2.47 -11.98 7.18
N ASP A 466 -1.91 -11.28 8.16
CA ASP A 466 -2.66 -10.76 9.30
C ASP A 466 -3.00 -9.31 9.00
N TYR A 467 -4.31 -9.02 8.87
CA TYR A 467 -4.82 -7.70 8.52
C TYR A 467 -5.21 -6.84 9.73
N SER A 468 -5.07 -7.33 10.96
CA SER A 468 -5.52 -6.55 12.11
C SER A 468 -4.40 -5.68 12.69
N ASN A 469 -4.80 -4.54 13.27
CA ASN A 469 -3.87 -3.65 13.98
C ASN A 469 -2.68 -3.24 13.09
N VAL A 470 -2.94 -3.04 11.81
CA VAL A 470 -1.92 -2.48 10.91
C VAL A 470 -1.79 -0.98 11.16
N ALA A 471 -0.57 -0.53 11.41
CA ALA A 471 -0.31 0.87 11.72
C ALA A 471 -0.30 1.74 10.47
N THR A 472 -0.69 3.00 10.66
CA THR A 472 -0.75 3.99 9.59
C THR A 472 -0.06 5.28 10.02
N THR A 473 0.27 6.11 9.03
CA THR A 473 0.77 7.45 9.26
C THR A 473 0.21 8.39 8.21
N VAL A 474 -0.23 9.57 8.65
CA VAL A 474 -0.70 10.62 7.76
C VAL A 474 0.35 11.71 7.74
N PHE A 475 0.93 11.96 6.57
CA PHE A 475 2.06 12.87 6.40
C PHE A 475 1.63 14.30 6.09
N THR A 476 0.70 14.81 6.92
CA THR A 476 0.36 16.21 6.99
C THR A 476 1.54 17.02 7.54
N PRO A 477 1.51 18.35 7.45
CA PRO A 477 2.68 19.13 7.90
C PRO A 477 3.17 18.77 9.30
N LEU A 478 2.28 18.63 10.28
CA LEU A 478 2.58 17.89 11.50
C LEU A 478 1.97 16.50 11.34
N GLU A 479 2.81 15.47 11.49
CA GLU A 479 2.45 14.12 11.12
C GLU A 479 1.67 13.44 12.24
N TYR A 480 0.89 12.43 11.86
CA TYR A 480 -0.03 11.78 12.77
C TYR A 480 0.04 10.27 12.53
N GLY A 481 0.43 9.54 13.56
CA GLY A 481 0.62 8.09 13.44
C GLY A 481 -0.32 7.38 14.40
N ALA A 482 -0.87 6.26 13.97
CA ALA A 482 -1.80 5.50 14.80
C ALA A 482 -1.57 4.01 14.59
N CYS A 483 -1.85 3.24 15.65
CA CYS A 483 -1.97 1.79 15.52
C CYS A 483 -3.05 1.27 16.46
N GLY A 484 -4.00 0.51 15.92
CA GLY A 484 -5.07 -0.04 16.73
C GLY A 484 -6.35 0.77 16.63
N LEU A 485 -7.18 0.66 17.67
CA LEU A 485 -8.49 1.29 17.67
C LEU A 485 -8.42 2.80 17.94
N SER A 486 -9.27 3.55 17.23
CA SER A 486 -9.54 4.93 17.66
C SER A 486 -10.23 4.91 19.02
N GLU A 487 -10.20 6.07 19.70
CA GLU A 487 -10.74 6.14 21.06
C GLU A 487 -12.25 5.93 21.09
N GLU A 488 -12.97 6.54 20.15
CA GLU A 488 -14.43 6.41 20.11
C GLU A 488 -14.86 4.98 19.78
N ASP A 489 -14.15 4.31 18.87
CA ASP A 489 -14.52 2.94 18.52
C ASP A 489 -14.34 1.98 19.69
N ALA A 490 -13.27 2.18 20.47
CA ALA A 490 -13.03 1.33 21.64
C ALA A 490 -14.13 1.51 22.68
N ILE A 491 -14.51 2.76 22.97
CA ILE A 491 -15.65 3.02 23.85
C ILE A 491 -16.90 2.35 23.30
N GLU A 492 -17.12 2.48 21.99
CA GLU A 492 -18.24 1.81 21.32
C GLU A 492 -18.25 0.31 21.56
N LYS A 493 -17.09 -0.34 21.51
CA LYS A 493 -17.04 -1.80 21.54
C LYS A 493 -17.09 -2.37 22.94
N TYR A 494 -16.55 -1.67 23.93
CA TYR A 494 -16.40 -2.21 25.27
C TYR A 494 -17.06 -1.40 26.37
N GLY A 495 -17.59 -0.23 26.07
CA GLY A 495 -18.21 0.61 27.08
C GLY A 495 -17.24 1.55 27.73
N ASP A 496 -17.71 2.77 28.01
CA ASP A 496 -16.85 3.81 28.58
C ASP A 496 -16.24 3.37 29.91
N LYS A 497 -16.99 2.62 30.72
CA LYS A 497 -16.47 2.30 32.04
C LYS A 497 -15.23 1.43 31.94
N ASP A 498 -15.14 0.59 30.91
CA ASP A 498 -14.02 -0.34 30.73
C ASP A 498 -12.82 0.27 29.97
N ILE A 499 -12.83 1.57 29.66
CA ILE A 499 -11.77 2.19 28.85
C ILE A 499 -11.05 3.24 29.69
N GLU A 500 -9.72 3.14 29.73
CA GLU A 500 -8.84 4.12 30.37
C GLU A 500 -7.87 4.64 29.31
N VAL A 501 -7.79 5.97 29.18
CA VAL A 501 -6.98 6.65 28.16
C VAL A 501 -5.90 7.45 28.88
N TYR A 502 -4.64 7.06 28.69
CA TYR A 502 -3.54 7.89 29.17
C TYR A 502 -3.08 8.84 28.05
N HIS A 503 -2.65 10.04 28.42
CA HIS A 503 -2.31 11.01 27.39
C HIS A 503 -1.39 12.07 27.96
N SER A 504 -0.75 12.81 27.04
CA SER A 504 0.16 13.88 27.42
C SER A 504 0.49 14.71 26.19
N ASN A 505 0.63 16.01 26.38
CA ASN A 505 1.31 16.85 25.41
C ASN A 505 2.82 16.64 25.49
N PHE A 506 3.54 17.12 24.49
CA PHE A 506 4.99 17.14 24.56
C PHE A 506 5.52 18.16 23.56
N LYS A 507 6.85 18.30 23.51
CA LYS A 507 7.56 19.31 22.74
C LYS A 507 8.95 18.80 22.35
N PRO A 508 9.24 18.71 21.06
CA PRO A 508 10.55 18.18 20.66
C PRO A 508 11.67 19.11 21.13
N LEU A 509 12.77 18.50 21.60
CA LEU A 509 13.93 19.31 21.96
C LEU A 509 14.30 20.27 20.84
N GLU A 510 14.17 19.82 19.58
CA GLU A 510 14.54 20.66 18.44
C GLU A 510 13.67 21.90 18.31
N TRP A 511 12.47 21.90 18.89
CA TRP A 511 11.59 23.07 18.82
C TRP A 511 11.95 24.15 19.84
N THR A 512 12.87 23.86 20.78
CA THR A 512 13.16 24.83 21.83
C THR A 512 13.88 26.05 21.26
N VAL A 513 15.08 25.83 20.72
CA VAL A 513 15.88 26.92 20.20
C VAL A 513 15.21 27.57 18.98
N ALA A 514 14.45 26.80 18.20
CA ALA A 514 13.75 27.40 17.07
C ALA A 514 12.47 28.12 17.48
N HIS A 515 12.14 28.15 18.78
CA HIS A 515 10.97 28.89 19.31
C HIS A 515 9.66 28.47 18.67
N ARG A 516 9.39 27.16 18.60
CA ARG A 516 8.10 26.67 18.12
C ARG A 516 7.17 26.34 19.31
N GLU A 517 5.94 25.92 18.98
CA GLU A 517 4.83 25.89 19.94
C GLU A 517 5.08 24.93 21.09
N ASP A 518 4.41 25.21 22.22
CA ASP A 518 4.65 24.50 23.49
C ASP A 518 3.80 23.25 23.64
N ASN A 519 2.48 23.33 23.44
CA ASN A 519 1.62 22.22 23.80
C ASN A 519 0.75 21.81 22.62
N VAL A 520 1.41 21.52 21.51
CA VAL A 520 0.75 21.17 20.26
C VAL A 520 0.90 19.69 19.92
N CYS A 521 2.14 19.17 19.97
CA CYS A 521 2.33 17.73 19.85
C CYS A 521 1.62 17.01 21.00
N TYR A 522 1.18 15.77 20.74
CA TYR A 522 0.22 15.07 21.59
C TYR A 522 0.29 13.57 21.35
N MET A 523 -0.03 12.79 22.39
CA MET A 523 -0.01 11.33 22.26
C MET A 523 -0.85 10.71 23.36
N LYS A 524 -1.51 9.60 23.02
CA LYS A 524 -2.39 8.94 23.99
C LYS A 524 -2.36 7.42 23.77
N LEU A 525 -2.66 6.68 24.86
CA LEU A 525 -2.83 5.24 24.83
C LEU A 525 -4.24 4.91 25.29
N VAL A 526 -4.99 4.18 24.47
CA VAL A 526 -6.35 3.77 24.77
C VAL A 526 -6.30 2.32 25.24
N CYS A 527 -6.73 2.05 26.47
CA CYS A 527 -6.52 0.76 27.10
C CYS A 527 -7.83 0.21 27.66
N ARG A 528 -7.87 -1.12 27.81
CA ARG A 528 -9.02 -1.83 28.36
C ARG A 528 -8.77 -2.21 29.81
N LYS A 529 -9.66 -1.75 30.70
CA LYS A 529 -9.46 -1.97 32.13
C LYS A 529 -9.55 -3.45 32.50
N SER A 530 -10.52 -4.18 31.95
CA SER A 530 -10.77 -5.57 32.35
C SER A 530 -9.84 -6.58 31.67
N ASP A 531 -8.80 -6.16 30.95
CA ASP A 531 -7.87 -7.07 30.27
C ASP A 531 -6.44 -6.64 30.53
N ASN A 532 -6.10 -6.54 31.82
CA ASN A 532 -4.75 -6.18 32.29
C ASN A 532 -4.23 -4.88 31.67
N MET A 533 -5.15 -3.95 31.39
CA MET A 533 -4.81 -2.66 30.78
C MET A 533 -4.15 -2.83 29.41
N ARG A 534 -4.64 -3.81 28.64
CA ARG A 534 -4.17 -4.03 27.27
C ARG A 534 -4.23 -2.74 26.46
N VAL A 535 -3.18 -2.48 25.68
CA VAL A 535 -3.19 -1.29 24.82
C VAL A 535 -4.01 -1.61 23.56
N LEU A 536 -5.16 -0.95 23.41
CA LEU A 536 -6.06 -1.16 22.30
C LEU A 536 -5.73 -0.27 21.11
N GLY A 537 -5.11 0.86 21.36
CA GLY A 537 -4.83 1.82 20.32
C GLY A 537 -3.79 2.81 20.76
N LEU A 538 -2.89 3.17 19.85
CA LEU A 538 -1.86 4.14 20.13
C LEU A 538 -1.96 5.26 19.11
N HIS A 539 -1.73 6.49 19.55
CA HIS A 539 -1.84 7.66 18.69
C HIS A 539 -0.79 8.70 19.08
N VAL A 540 -0.07 9.25 18.09
CA VAL A 540 0.89 10.33 18.31
C VAL A 540 0.82 11.37 17.20
N LEU A 541 0.83 12.65 17.57
CA LEU A 541 0.86 13.76 16.63
C LEU A 541 2.14 14.54 16.89
N GLY A 542 3.05 14.59 15.90
CA GLY A 542 4.38 15.16 16.08
C GLY A 542 5.35 14.89 14.93
N PRO A 543 6.56 15.45 15.00
CA PRO A 543 7.55 15.18 13.95
C PRO A 543 7.95 13.71 13.90
N ASN A 544 8.23 13.22 12.68
CA ASN A 544 8.70 11.84 12.44
C ASN A 544 7.73 10.78 13.01
N ALA A 545 6.41 11.04 12.90
CA ALA A 545 5.41 10.17 13.52
C ALA A 545 5.47 8.73 12.99
N GLY A 546 5.80 8.55 11.71
CA GLY A 546 5.94 7.21 11.17
C GLY A 546 7.04 6.43 11.86
N GLU A 547 8.24 7.00 11.93
CA GLU A 547 9.35 6.31 12.58
C GLU A 547 9.06 6.04 14.05
N ILE A 548 8.34 6.96 14.69
CA ILE A 548 7.96 6.75 16.09
C ILE A 548 7.07 5.52 16.21
N THR A 549 6.03 5.45 15.38
CA THR A 549 4.95 4.48 15.57
C THR A 549 5.38 3.06 15.23
N GLN A 550 6.24 2.88 14.22
CA GLN A 550 6.42 1.56 13.61
C GLN A 550 6.70 0.48 14.65
N GLY A 551 7.74 0.70 15.46
CA GLY A 551 8.17 -0.34 16.37
C GLY A 551 7.11 -0.75 17.38
N TYR A 552 6.33 0.22 17.86
CA TYR A 552 5.25 -0.12 18.80
C TYR A 552 4.23 -1.08 18.17
N ALA A 553 4.04 -1.03 16.84
CA ALA A 553 3.17 -1.98 16.17
C ALA A 553 3.54 -3.42 16.47
N VAL A 554 4.85 -3.72 16.57
CA VAL A 554 5.29 -5.08 16.93
C VAL A 554 4.84 -5.44 18.35
N ALA A 555 5.02 -4.51 19.29
CA ALA A 555 4.60 -4.79 20.66
C ALA A 555 3.10 -5.02 20.73
N ILE A 556 2.32 -4.21 20.00
CA ILE A 556 0.87 -4.30 20.06
C ILE A 556 0.39 -5.61 19.44
N LYS A 557 1.05 -6.06 18.37
CA LYS A 557 0.74 -7.35 17.78
C LYS A 557 0.92 -8.47 18.79
N MET A 558 1.91 -8.35 19.68
CA MET A 558 2.11 -9.33 20.74
C MET A 558 1.25 -9.06 21.98
N GLY A 559 0.40 -8.05 21.96
CA GLY A 559 -0.55 -7.84 23.05
C GLY A 559 -0.01 -7.04 24.22
N ALA A 560 0.72 -5.96 23.94
CA ALA A 560 1.31 -5.18 25.00
C ALA A 560 0.25 -4.56 25.92
N THR A 561 0.60 -4.39 27.19
CA THR A 561 -0.24 -3.75 28.20
C THR A 561 0.40 -2.44 28.66
N LYS A 562 -0.33 -1.69 29.50
CA LYS A 562 0.23 -0.45 30.02
C LYS A 562 1.48 -0.71 30.84
N ALA A 563 1.55 -1.87 31.50
CA ALA A 563 2.71 -2.20 32.33
C ALA A 563 3.93 -2.52 31.47
N ASP A 564 3.73 -3.05 30.26
CA ASP A 564 4.87 -3.26 29.38
C ASP A 564 5.46 -1.93 28.93
N PHE A 565 4.60 -0.94 28.65
CA PHE A 565 5.11 0.39 28.34
C PHE A 565 5.85 0.99 29.53
N ASP A 566 5.33 0.75 30.76
CA ASP A 566 5.94 1.35 31.94
C ASP A 566 7.29 0.72 32.27
N ARG A 567 7.42 -0.61 32.13
CA ARG A 567 8.66 -1.22 32.60
C ARG A 567 9.80 -1.06 31.61
N THR A 568 9.53 -0.61 30.37
CA THR A 568 10.59 -0.25 29.45
C THR A 568 11.11 1.16 29.73
N ILE A 569 12.42 1.35 29.51
CA ILE A 569 13.11 2.61 29.77
C ILE A 569 13.27 3.38 28.47
N GLY A 570 13.12 4.71 28.55
CA GLY A 570 13.20 5.53 27.37
C GLY A 570 14.62 5.73 26.85
N ILE A 571 14.68 6.15 25.57
CA ILE A 571 15.86 6.74 24.93
C ILE A 571 15.70 8.25 24.95
N HIS A 572 16.75 8.95 25.41
CA HIS A 572 16.73 10.38 25.71
C HIS A 572 17.92 11.05 25.03
N PRO A 573 17.73 12.19 24.37
CA PRO A 573 16.45 12.92 24.18
C PRO A 573 15.70 12.52 22.91
N THR A 574 14.53 11.91 23.01
CA THR A 574 13.70 11.65 21.84
C THR A 574 12.27 12.11 22.12
N CYS A 575 11.50 12.22 21.03
CA CYS A 575 10.05 12.39 21.15
C CYS A 575 9.39 11.12 21.65
N SER A 576 9.80 9.98 21.08
CA SER A 576 9.12 8.72 21.33
C SER A 576 9.19 8.26 22.78
N GLU A 577 10.15 8.76 23.56
CA GLU A 577 10.27 8.31 24.94
C GLU A 577 9.06 8.74 25.80
N THR A 578 8.31 9.76 25.40
CA THR A 578 7.13 10.16 26.21
C THR A 578 6.15 8.99 26.42
N PHE A 579 6.14 8.00 25.51
CA PHE A 579 5.25 6.84 25.65
C PHE A 579 5.64 5.93 26.81
N THR A 580 6.85 6.04 27.31
CA THR A 580 7.30 5.10 28.33
C THR A 580 7.03 5.59 29.75
N THR A 581 6.56 6.84 29.92
CA THR A 581 6.36 7.45 31.23
C THR A 581 4.98 8.11 31.38
N LEU A 582 3.99 7.69 30.59
CA LEU A 582 2.67 8.31 30.66
C LEU A 582 1.96 7.96 31.96
N HIS A 583 1.18 8.92 32.49
CA HIS A 583 0.53 8.76 33.79
C HIS A 583 -0.78 9.54 33.98
N VAL A 584 -1.04 10.54 33.16
CA VAL A 584 -2.24 11.36 33.33
C VAL A 584 -3.38 10.68 32.57
N THR A 585 -4.42 10.28 33.29
CA THR A 585 -5.59 9.71 32.64
C THR A 585 -6.57 10.82 32.30
N LYS A 586 -7.49 10.51 31.38
CA LYS A 586 -8.55 11.44 31.00
C LYS A 586 -9.62 11.53 32.07
N LYS A 587 -10.04 10.40 32.63
CA LYS A 587 -11.03 10.42 33.69
C LYS A 587 -10.59 11.27 34.87
N SER A 588 -9.28 11.40 35.11
CA SER A 588 -8.80 12.16 36.26
C SER A 588 -9.05 13.65 36.10
N GLY A 589 -9.13 14.14 34.87
CA GLY A 589 -9.35 15.55 34.63
C GLY A 589 -8.13 16.41 34.74
N VAL A 590 -7.02 15.88 35.23
CA VAL A 590 -5.76 16.62 35.21
C VAL A 590 -5.39 16.98 33.77
N SER A 591 -4.77 18.14 33.61
CA SER A 591 -4.37 18.62 32.29
C SER A 591 -3.17 17.84 31.75
N PRO A 592 -3.11 17.61 30.43
CA PRO A 592 -1.94 16.98 29.83
C PRO A 592 -0.79 17.92 29.47
N ILE A 593 -0.91 19.23 29.69
CA ILE A 593 0.10 20.18 29.18
C ILE A 593 1.43 20.05 29.94
N VAL A 594 2.47 20.69 29.43
CA VAL A 594 3.77 20.63 30.07
C VAL A 594 3.87 21.59 31.26
#